data_5JFR
#
_entry.id   5JFR
#
_cell.length_a   89.644
_cell.length_b   100.816
_cell.length_c   99.445
_cell.angle_alpha   90.000
_cell.angle_beta   90.000
_cell.angle_gamma   90.000
#
_symmetry.space_group_name_H-M   'C 2 2 21'
#
loop_
_entity.id
_entity.type
_entity.pdbx_description
1 polymer 'Methionine aminopeptidase 2'
2 non-polymer 'MANGANESE (II) ION'
3 non-polymer 'DIMETHYL SULFOXIDE'
4 non-polymer 1,2-ETHANEDIOL
5 non-polymer 7-fluoro-4-(5-methyl-3H-imidazo[4,5-b]pyridin-6-yl)-2,4-dihydropyrazolo[4,3-b]indole
6 water water
#
_entity_poly.entity_id   1
_entity_poly.type   'polypeptide(L)'
_entity_poly.pdbx_seq_one_letter_code
;KVQTDPPSVPICDLYPNGVFPKGQECEYPPTQDGRTAAWRTTSEEKKALDQASEEIWNDFREAAEAHRQVRKYVMSWIKP
GMTMIEICEKLEDCSRKLIKENGLNAGLAFPTGCSLNNCAAHYTPNAGDTTVLQYDDICKIDFGTHISGRIIDCAFTVTF
NPKYDTLLKAVKDATNTGIKCAGIDVRLCDVGEAIQEVMESYEVEIDGKTYQVKPIRNLNGHSIGQYRIHAGKTVPIVKG
GEATRMEEGEVYAIETFGSTGKGVVHDDMECSHYMKNFDVGHVPIRLPRTKHLLNVINENFGTLAFCRRWLDRLGESKYL
MALKNLCDLGIVDPYPPLCDIKGSYTAQFEHTILLRPTCKEVVSRGDDY
;
_entity_poly.pdbx_strand_id   A
#
loop_
_chem_comp.id
_chem_comp.type
_chem_comp.name
_chem_comp.formula
6KP non-polymer 7-fluoro-4-(5-methyl-3H-imidazo[4,5-b]pyridin-6-yl)-2,4-dihydropyrazolo[4,3-b]indole 'C16 H11 F N6'
DMS non-polymer 'DIMETHYL SULFOXIDE' 'C2 H6 O S'
EDO non-polymer 1,2-ETHANEDIOL 'C2 H6 O2'
MN non-polymer 'MANGANESE (II) ION' 'Mn 2'
#
# COMPACT_ATOMS: atom_id res chain seq x y z
N LYS A 1 9.20 24.07 -15.60
CA LYS A 1 8.04 23.71 -14.71
C LYS A 1 8.50 23.15 -13.36
N VAL A 2 8.24 23.91 -12.29
CA VAL A 2 8.56 23.49 -10.92
C VAL A 2 7.28 23.22 -10.15
N GLN A 3 7.37 22.40 -9.10
CA GLN A 3 6.20 22.04 -8.30
C GLN A 3 5.76 23.19 -7.40
N THR A 4 4.45 23.35 -7.27
CA THR A 4 3.86 24.42 -6.45
C THR A 4 3.74 23.97 -5.00
N ASP A 5 3.44 24.92 -4.11
CA ASP A 5 3.13 24.63 -2.72
C ASP A 5 1.80 25.33 -2.38
N PRO A 6 0.72 24.55 -2.15
CA PRO A 6 0.63 23.08 -2.16
C PRO A 6 0.84 22.49 -3.56
N PRO A 7 1.25 21.21 -3.64
CA PRO A 7 1.52 20.58 -4.93
C PRO A 7 0.27 20.47 -5.80
N SER A 8 0.41 20.88 -7.06
CA SER A 8 -0.69 20.82 -8.03
C SER A 8 -0.26 20.42 -9.45
N VAL A 9 1.03 20.48 -9.75
CA VAL A 9 1.55 20.16 -11.09
C VAL A 9 1.73 18.66 -11.25
N PRO A 10 1.11 18.07 -12.30
CA PRO A 10 1.31 16.65 -12.58
C PRO A 10 2.79 16.30 -12.63
N ILE A 11 3.15 15.13 -12.10
CA ILE A 11 4.52 14.65 -12.17
C ILE A 11 4.99 14.58 -13.64
N CYS A 12 4.07 14.18 -14.52
CA CYS A 12 4.24 14.22 -15.99
C CYS A 12 4.88 15.53 -16.50
N ASP A 13 4.39 16.65 -15.98
CA ASP A 13 4.80 17.97 -16.43
C ASP A 13 6.14 18.40 -15.86
N LEU A 14 6.51 17.83 -14.72
CA LEU A 14 7.81 18.10 -14.11
C LEU A 14 8.93 17.39 -14.85
N TYR A 15 8.62 16.30 -15.55
CA TYR A 15 9.61 15.53 -16.30
C TYR A 15 9.13 15.32 -17.73
N PRO A 16 9.16 16.38 -18.55
CA PRO A 16 8.61 16.38 -19.92
C PRO A 16 9.19 15.32 -20.88
N ASN A 17 10.43 14.88 -20.66
CA ASN A 17 11.04 13.82 -21.47
C ASN A 17 10.51 12.42 -21.13
N GLY A 18 9.68 12.32 -20.09
CA GLY A 18 9.07 11.05 -19.72
C GLY A 18 9.99 10.08 -19.00
N VAL A 19 11.09 10.59 -18.46
CA VAL A 19 12.04 9.79 -17.68
C VAL A 19 11.96 10.26 -16.21
N PHE A 20 11.50 9.36 -15.35
CA PHE A 20 11.22 9.72 -13.97
C PHE A 20 12.31 9.22 -13.02
N PRO A 21 12.46 9.86 -11.85
CA PRO A 21 13.53 9.52 -10.91
C PRO A 21 13.48 8.07 -10.44
N LYS A 22 14.63 7.43 -10.40
CA LYS A 22 14.75 6.09 -9.86
C LYS A 22 14.63 6.14 -8.35
N GLY A 23 14.13 5.05 -7.77
CA GLY A 23 14.16 4.87 -6.32
C GLY A 23 15.52 4.37 -5.88
N GLN A 24 15.57 3.80 -4.68
CA GLN A 24 16.83 3.31 -4.10
C GLN A 24 17.21 2.02 -4.81
N GLU A 25 18.37 2.00 -5.44
CA GLU A 25 18.86 0.80 -6.12
C GLU A 25 19.86 0.06 -5.22
N CYS A 26 19.66 -1.25 -5.10
CA CYS A 26 20.41 -2.10 -4.17
C CYS A 26 20.92 -3.33 -4.88
N GLU A 27 22.14 -3.77 -4.54
CA GLU A 27 22.59 -5.09 -4.96
C GLU A 27 21.73 -6.13 -4.26
N TYR A 28 21.50 -7.25 -4.93
CA TYR A 28 20.77 -8.35 -4.32
C TYR A 28 21.60 -8.94 -3.18
N PRO A 29 20.95 -9.54 -2.17
CA PRO A 29 21.74 -10.10 -1.07
C PRO A 29 22.57 -11.31 -1.53
N PRO A 30 23.66 -11.63 -0.80
CA PRO A 30 24.40 -12.83 -1.15
C PRO A 30 23.51 -14.05 -1.17
N THR A 31 23.84 -15.00 -2.04
CA THR A 31 23.09 -16.25 -2.12
C THR A 31 23.32 -17.10 -0.87
N GLN A 32 22.55 -18.17 -0.75
CA GLN A 32 22.73 -19.14 0.34
C GLN A 32 24.11 -19.80 0.25
N ASP A 33 24.69 -19.81 -0.95
CA ASP A 33 26.08 -20.21 -1.17
C ASP A 33 27.06 -19.39 -0.34
N GLY A 34 26.71 -18.12 -0.10
CA GLY A 34 27.59 -17.16 0.55
C GLY A 34 28.30 -16.28 -0.48
N ARG A 35 27.97 -16.50 -1.75
CA ARG A 35 28.61 -15.78 -2.86
C ARG A 35 27.78 -14.59 -3.34
N THR A 36 28.47 -13.65 -4.00
CA THR A 36 27.89 -12.37 -4.37
C THR A 36 26.84 -12.48 -5.49
N ALA A 37 25.84 -11.60 -5.42
CA ALA A 37 24.86 -11.43 -6.49
C ALA A 37 25.17 -10.16 -7.30
N ALA A 38 26.32 -9.55 -7.05
CA ALA A 38 26.70 -8.30 -7.70
C ALA A 38 26.90 -8.44 -9.22
N TRP A 39 27.24 -9.66 -9.68
CA TRP A 39 27.39 -9.95 -11.11
C TRP A 39 26.20 -9.51 -11.96
N ARG A 40 25.00 -9.48 -11.36
CA ARG A 40 23.79 -9.05 -12.06
C ARG A 40 23.90 -7.60 -12.54
N THR A 41 24.55 -6.76 -11.74
CA THR A 41 24.71 -5.34 -12.04
C THR A 41 25.42 -5.10 -13.38
N THR A 42 26.44 -5.91 -13.66
CA THR A 42 27.34 -5.69 -14.79
C THR A 42 27.18 -6.72 -15.91
N SER A 43 26.24 -7.66 -15.74
CA SER A 43 25.90 -8.65 -16.75
C SER A 43 25.24 -7.98 -17.96
N GLU A 44 25.83 -8.20 -19.14
CA GLU A 44 25.32 -7.54 -20.35
C GLU A 44 23.92 -8.03 -20.70
N GLU A 45 23.64 -9.31 -20.45
CA GLU A 45 22.32 -9.87 -20.73
C GLU A 45 21.25 -9.40 -19.75
N LYS A 46 21.60 -9.26 -18.46
CA LYS A 46 20.66 -8.71 -17.48
C LYS A 46 20.37 -7.24 -17.78
N LYS A 47 21.40 -6.50 -18.20
CA LYS A 47 21.23 -5.10 -18.61
C LYS A 47 20.24 -4.97 -19.77
N ALA A 48 20.33 -5.90 -20.72
CA ALA A 48 19.43 -5.93 -21.89
C ALA A 48 17.98 -6.24 -21.49
N LEU A 49 17.80 -7.26 -20.65
CA LEU A 49 16.46 -7.59 -20.13
C LEU A 49 15.87 -6.39 -19.39
N ASP A 50 16.69 -5.77 -18.54
CA ASP A 50 16.28 -4.61 -17.73
C ASP A 50 15.82 -3.44 -18.61
N GLN A 51 16.63 -3.09 -19.62
CA GLN A 51 16.30 -2.01 -20.55
C GLN A 51 15.04 -2.31 -21.38
N ALA A 52 14.82 -3.59 -21.68
CA ALA A 52 13.63 -4.03 -22.42
C ALA A 52 12.34 -3.69 -21.68
N SER A 53 12.42 -3.54 -20.36
CA SER A 53 11.28 -3.19 -19.52
C SER A 53 11.35 -1.76 -18.95
N GLU A 54 12.21 -0.92 -19.51
CA GLU A 54 12.41 0.44 -18.98
C GLU A 54 11.12 1.26 -18.93
N GLU A 55 10.26 1.06 -19.93
CA GLU A 55 8.94 1.71 -19.97
C GLU A 55 8.09 1.38 -18.74
N ILE A 56 8.17 0.12 -18.31
CA ILE A 56 7.41 -0.36 -17.15
C ILE A 56 7.98 0.25 -15.87
N TRP A 57 9.29 0.16 -15.69
CA TRP A 57 9.92 0.71 -14.48
C TRP A 57 9.65 2.20 -14.41
N ASN A 58 9.70 2.88 -15.55
CA ASN A 58 9.43 4.30 -15.62
C ASN A 58 7.99 4.67 -15.19
N ASP A 59 7.03 3.82 -15.52
CA ASP A 59 5.65 4.01 -15.07
C ASP A 59 5.55 3.88 -13.53
N PHE A 60 6.17 2.86 -12.96
CA PHE A 60 6.25 2.73 -11.50
C PHE A 60 6.90 3.97 -10.87
N ARG A 61 7.95 4.49 -11.50
CA ARG A 61 8.68 5.64 -10.96
C ARG A 61 7.85 6.91 -11.00
N GLU A 62 7.07 7.10 -12.05
CA GLU A 62 6.15 8.23 -12.11
C GLU A 62 5.17 8.12 -10.94
N ALA A 63 4.58 6.94 -10.79
CA ALA A 63 3.62 6.71 -9.71
C ALA A 63 4.26 6.91 -8.33
N ALA A 64 5.52 6.49 -8.18
CA ALA A 64 6.22 6.63 -6.90
C ALA A 64 6.59 8.07 -6.60
N GLU A 65 6.93 8.85 -7.62
CA GLU A 65 7.21 10.27 -7.39
C GLU A 65 5.95 11.02 -6.95
N ALA A 66 4.81 10.68 -7.56
CA ALA A 66 3.52 11.21 -7.09
C ALA A 66 3.30 10.84 -5.62
N HIS A 67 3.56 9.59 -5.28
CA HIS A 67 3.38 9.11 -3.90
C HIS A 67 4.27 9.91 -2.93
N ARG A 68 5.53 10.09 -3.28
CA ARG A 68 6.47 10.86 -2.43
C ARG A 68 5.96 12.29 -2.22
N GLN A 69 5.54 12.96 -3.29
CA GLN A 69 5.13 14.34 -3.16
C GLN A 69 3.80 14.47 -2.42
N VAL A 70 2.89 13.55 -2.64
CA VAL A 70 1.63 13.55 -1.88
C VAL A 70 1.88 13.40 -0.38
N ARG A 71 2.69 12.43 -0.02
CA ARG A 71 2.87 12.10 1.40
C ARG A 71 3.63 13.18 2.17
N LYS A 72 4.58 13.86 1.50
CA LYS A 72 5.30 14.96 2.12
C LYS A 72 4.30 16.09 2.41
N TYR A 73 3.40 16.33 1.48
CA TYR A 73 2.33 17.31 1.66
C TYR A 73 1.41 16.91 2.83
N VAL A 74 0.96 15.66 2.83
CA VAL A 74 0.10 15.16 3.94
C VAL A 74 0.78 15.36 5.30
N MET A 75 2.06 15.03 5.38
CA MET A 75 2.78 15.09 6.65
C MET A 75 2.86 16.52 7.17
N SER A 76 2.81 17.49 6.26
CA SER A 76 2.90 18.89 6.63
C SER A 76 1.62 19.44 7.30
N TRP A 77 0.47 18.84 7.02
CA TRP A 77 -0.80 19.38 7.55
C TRP A 77 -1.63 18.42 8.39
N ILE A 78 -1.36 17.13 8.33
CA ILE A 78 -2.20 16.19 9.08
C ILE A 78 -2.08 16.46 10.58
N LYS A 79 -3.21 16.73 11.23
CA LYS A 79 -3.24 17.15 12.63
C LYS A 79 -4.47 16.62 13.34
N PRO A 80 -4.35 16.41 14.68
CA PRO A 80 -5.56 16.07 15.42
C PRO A 80 -6.56 17.21 15.32
N GLY A 81 -7.84 16.85 15.30
CA GLY A 81 -8.92 17.80 15.13
C GLY A 81 -9.57 17.74 13.76
N MET A 82 -8.81 17.29 12.75
CA MET A 82 -9.32 17.08 11.40
C MET A 82 -10.18 15.81 11.39
N THR A 83 -11.26 15.82 10.63
CA THR A 83 -12.04 14.61 10.45
C THR A 83 -11.28 13.65 9.53
N MET A 84 -11.54 12.37 9.67
CA MET A 84 -10.92 11.39 8.80
C MET A 84 -11.33 11.64 7.34
N ILE A 85 -12.58 12.04 7.14
CA ILE A 85 -13.05 12.38 5.79
C ILE A 85 -12.23 13.55 5.19
N GLU A 86 -12.05 14.62 5.95
CA GLU A 86 -11.23 15.77 5.52
C GLU A 86 -9.82 15.32 5.12
N ILE A 87 -9.19 14.48 5.95
CA ILE A 87 -7.86 13.97 5.66
C ILE A 87 -7.82 13.21 4.34
N CYS A 88 -8.71 12.24 4.18
CA CYS A 88 -8.73 11.43 2.97
C CYS A 88 -9.03 12.25 1.71
N GLU A 89 -9.99 13.17 1.81
CA GLU A 89 -10.34 14.00 0.64
C GLU A 89 -9.20 14.92 0.23
N LYS A 90 -8.54 15.53 1.21
CA LYS A 90 -7.40 16.43 0.93
C LYS A 90 -6.23 15.65 0.31
N LEU A 91 -5.94 14.47 0.86
CA LEU A 91 -4.91 13.61 0.27
C LEU A 91 -5.27 13.21 -1.17
N GLU A 92 -6.50 12.75 -1.36
CA GLU A 92 -6.90 12.19 -2.65
C GLU A 92 -6.97 13.29 -3.73
N ASP A 93 -7.37 14.49 -3.35
CA ASP A 93 -7.43 15.63 -4.28
C ASP A 93 -6.02 15.89 -4.85
N CYS A 94 -5.03 15.85 -3.96
CA CYS A 94 -3.64 16.04 -4.36
C CYS A 94 -3.14 14.90 -5.23
N SER A 95 -3.45 13.67 -4.83
CA SER A 95 -3.04 12.47 -5.56
C SER A 95 -3.58 12.46 -6.99
N ARG A 96 -4.85 12.77 -7.15
CA ARG A 96 -5.48 12.84 -8.47
C ARG A 96 -4.78 13.83 -9.39
N LYS A 97 -4.44 14.99 -8.83
CA LYS A 97 -3.75 16.03 -9.59
C LYS A 97 -2.35 15.60 -10.01
N LEU A 98 -1.55 15.09 -9.07
CA LEU A 98 -0.15 14.75 -9.37
C LEU A 98 0.00 13.53 -10.28
N ILE A 99 -0.89 12.56 -10.14
CA ILE A 99 -0.86 11.39 -10.99
C ILE A 99 -1.46 11.69 -12.38
N LYS A 100 -2.11 12.85 -12.53
CA LYS A 100 -2.79 13.23 -13.78
C LYS A 100 -3.85 12.20 -14.13
N GLU A 101 -4.82 12.06 -13.23
CA GLU A 101 -5.81 11.00 -13.32
C GLU A 101 -6.42 10.98 -14.72
N ASN A 102 -6.46 9.79 -15.31
CA ASN A 102 -6.98 9.58 -16.66
C ASN A 102 -7.62 8.20 -16.78
N GLY A 103 -8.86 8.08 -16.32
CA GLY A 103 -9.57 6.82 -16.37
C GLY A 103 -8.79 5.70 -15.73
N LEU A 104 -8.74 4.55 -16.42
CA LEU A 104 -7.99 3.39 -15.96
C LEU A 104 -6.52 3.44 -16.36
N ASN A 105 -6.09 4.49 -17.06
CA ASN A 105 -4.70 4.62 -17.50
C ASN A 105 -3.77 5.32 -16.50
N ALA A 106 -4.34 6.08 -15.57
CA ALA A 106 -3.58 6.71 -14.49
C ALA A 106 -4.56 7.11 -13.42
N GLY A 107 -4.20 6.91 -12.17
CA GLY A 107 -5.09 7.29 -11.08
C GLY A 107 -4.72 6.70 -9.74
N LEU A 108 -5.75 6.53 -8.92
CA LEU A 108 -5.57 6.02 -7.57
C LEU A 108 -5.76 4.51 -7.59
N ALA A 109 -4.80 3.79 -7.02
CA ALA A 109 -4.78 2.33 -7.12
C ALA A 109 -5.76 1.66 -6.16
N PHE A 110 -6.05 2.33 -5.05
CA PHE A 110 -6.90 1.79 -4.00
C PHE A 110 -7.23 2.91 -3.02
N PRO A 111 -8.27 2.72 -2.18
CA PRO A 111 -8.68 3.81 -1.29
C PRO A 111 -7.63 4.19 -0.25
N THR A 112 -7.70 5.43 0.25
CA THR A 112 -6.81 5.90 1.27
C THR A 112 -7.13 5.27 2.62
N GLY A 113 -6.28 4.36 3.07
CA GLY A 113 -6.39 3.84 4.44
C GLY A 113 -5.94 4.90 5.42
N CYS A 114 -6.66 5.01 6.54
CA CYS A 114 -6.27 5.87 7.65
C CYS A 114 -6.66 5.18 8.97
N SER A 115 -6.40 3.88 9.02
CA SER A 115 -6.77 3.03 10.14
C SER A 115 -6.18 3.49 11.46
N LEU A 116 -7.01 3.49 12.51
CA LEU A 116 -6.65 4.07 13.80
C LEU A 116 -6.48 3.04 14.91
N ASN A 117 -5.39 3.19 15.66
CA ASN A 117 -5.24 2.54 16.95
C ASN A 117 -5.16 1.02 16.81
N ASN A 118 -6.12 0.30 17.34
CA ASN A 118 -6.10 -1.17 17.19
C ASN A 118 -6.46 -1.61 15.78
N CYS A 119 -7.05 -0.73 14.99
CA CYS A 119 -7.30 -1.08 13.60
C CYS A 119 -6.03 -0.87 12.80
N ALA A 120 -5.64 -1.92 12.09
CA ALA A 120 -4.37 -1.97 11.38
C ALA A 120 -4.48 -1.61 9.90
N ALA A 121 -5.59 -1.96 9.28
CA ALA A 121 -5.72 -1.87 7.82
C ALA A 121 -7.19 -1.79 7.40
N HIS A 122 -7.40 -1.19 6.22
CA HIS A 122 -8.66 -1.21 5.49
C HIS A 122 -9.82 -0.43 6.09
N TYR A 123 -9.49 0.58 6.90
CA TYR A 123 -10.46 1.59 7.28
C TYR A 123 -10.24 2.84 6.44
N THR A 124 -11.29 3.27 5.75
CA THR A 124 -11.42 4.64 5.26
C THR A 124 -12.85 5.03 5.57
N PRO A 125 -13.11 6.30 5.90
CA PRO A 125 -14.48 6.67 6.23
C PRO A 125 -15.45 6.47 5.08
N ASN A 126 -16.66 6.03 5.41
CA ASN A 126 -17.82 6.14 4.51
C ASN A 126 -18.53 7.46 4.75
N ALA A 127 -19.46 7.83 3.87
CA ALA A 127 -20.24 9.05 4.05
C ALA A 127 -20.86 9.09 5.46
N GLY A 128 -20.85 10.28 6.05
CA GLY A 128 -21.44 10.50 7.36
C GLY A 128 -20.60 10.11 8.57
N ASP A 129 -19.41 9.55 8.33
CA ASP A 129 -18.49 9.20 9.41
C ASP A 129 -17.97 10.50 10.03
N THR A 130 -18.21 10.67 11.32
CA THR A 130 -17.85 11.88 12.03
C THR A 130 -16.55 11.74 12.80
N THR A 131 -15.82 10.64 12.58
CA THR A 131 -14.60 10.36 13.33
C THR A 131 -13.58 11.48 13.12
N VAL A 132 -13.04 11.96 14.23
CA VAL A 132 -12.00 12.99 14.29
C VAL A 132 -10.67 12.38 14.77
N LEU A 133 -9.59 12.72 14.09
CA LEU A 133 -8.25 12.35 14.51
C LEU A 133 -7.89 12.97 15.87
N GLN A 134 -7.43 12.13 16.80
CA GLN A 134 -7.10 12.58 18.18
C GLN A 134 -5.59 12.64 18.41
N TYR A 135 -5.20 13.42 19.41
CA TYR A 135 -3.78 13.57 19.77
C TYR A 135 -3.12 12.21 20.06
N ASP A 136 -3.82 11.34 20.77
CA ASP A 136 -3.24 10.04 21.13
C ASP A 136 -3.44 8.95 20.08
N ASP A 137 -4.00 9.29 18.92
CA ASP A 137 -4.22 8.29 17.89
C ASP A 137 -2.92 7.87 17.18
N ILE A 138 -2.90 6.63 16.73
CA ILE A 138 -1.85 6.10 15.87
C ILE A 138 -2.53 5.68 14.54
N CYS A 139 -2.20 6.43 13.48
CA CYS A 139 -2.94 6.41 12.23
C CYS A 139 -2.07 5.90 11.09
N LYS A 140 -2.53 4.84 10.42
CA LYS A 140 -1.78 4.28 9.31
C LYS A 140 -2.29 4.87 8.00
N ILE A 141 -1.44 5.66 7.36
CA ILE A 141 -1.80 6.29 6.08
C ILE A 141 -1.23 5.38 4.99
N ASP A 142 -2.15 4.70 4.30
CA ASP A 142 -1.79 3.71 3.28
C ASP A 142 -2.56 4.09 2.04
N PHE A 143 -1.83 4.56 1.01
CA PHE A 143 -2.49 4.98 -0.23
C PHE A 143 -1.68 4.56 -1.44
N GLY A 144 -2.36 4.49 -2.58
CA GLY A 144 -1.75 3.96 -3.77
C GLY A 144 -2.01 4.79 -5.01
N THR A 145 -0.99 4.82 -5.85
CA THR A 145 -1.05 5.46 -7.16
C THR A 145 -0.73 4.44 -8.23
N HIS A 146 -1.14 4.70 -9.46
CA HIS A 146 -0.70 3.87 -10.57
C HIS A 146 -0.63 4.65 -11.87
N ILE A 147 0.28 4.19 -12.72
CA ILE A 147 0.35 4.57 -14.13
C ILE A 147 0.25 3.27 -14.92
N SER A 148 -0.72 3.20 -15.83
CA SER A 148 -0.95 2.00 -16.66
C SER A 148 -1.04 0.69 -15.87
N GLY A 149 -1.59 0.75 -14.67
CA GLY A 149 -1.78 -0.42 -13.83
C GLY A 149 -0.53 -0.85 -13.09
N ARG A 150 0.54 -0.04 -13.19
CA ARG A 150 1.76 -0.24 -12.42
C ARG A 150 1.58 0.50 -11.10
N ILE A 151 1.40 -0.31 -10.06
CA ILE A 151 0.90 0.14 -8.76
C ILE A 151 2.00 0.39 -7.75
N ILE A 152 1.95 1.55 -7.09
CA ILE A 152 2.73 1.80 -5.89
C ILE A 152 1.81 1.66 -4.67
N ASP A 153 2.16 0.69 -3.84
CA ASP A 153 1.51 0.39 -2.58
C ASP A 153 2.54 0.78 -1.52
N CYS A 154 2.28 1.86 -0.80
CA CYS A 154 3.27 2.40 0.12
C CYS A 154 2.55 3.14 1.26
N ALA A 155 3.06 2.98 2.49
CA ALA A 155 2.35 3.37 3.69
C ALA A 155 3.29 3.75 4.82
N PHE A 156 2.82 4.64 5.66
CA PHE A 156 3.55 5.06 6.86
C PHE A 156 2.57 5.29 7.98
N THR A 157 3.09 5.44 9.19
CA THR A 157 2.27 5.68 10.36
C THR A 157 2.49 7.08 10.91
N VAL A 158 1.39 7.72 11.27
CA VAL A 158 1.34 9.06 11.83
C VAL A 158 1.00 9.01 13.30
N THR A 159 1.77 9.76 14.10
CA THR A 159 1.48 9.97 15.53
C THR A 159 1.80 11.40 15.91
N PHE A 160 1.30 11.81 17.06
CA PHE A 160 1.55 13.13 17.66
C PHE A 160 2.11 13.07 19.07
N ASN A 161 1.86 11.95 19.75
CA ASN A 161 2.37 11.70 21.09
C ASN A 161 3.64 10.88 20.97
N PRO A 162 4.77 11.39 21.52
CA PRO A 162 6.02 10.62 21.40
C PRO A 162 6.03 9.25 22.09
N LYS A 163 5.00 8.93 22.86
CA LYS A 163 4.98 7.64 23.58
C LYS A 163 5.02 6.44 22.62
N TYR A 164 4.60 6.64 21.37
CA TYR A 164 4.66 5.57 20.37
C TYR A 164 5.98 5.47 19.57
N ASP A 165 6.95 6.32 19.85
CA ASP A 165 8.14 6.42 19.00
C ASP A 165 8.88 5.08 18.81
N THR A 166 9.05 4.30 19.90
CA THR A 166 9.80 3.06 19.80
C THR A 166 8.98 2.01 19.05
N LEU A 167 7.66 2.02 19.19
CA LEU A 167 6.79 1.14 18.38
C LEU A 167 6.98 1.42 16.88
N LEU A 168 6.98 2.69 16.52
CA LEU A 168 7.19 3.10 15.13
C LEU A 168 8.58 2.65 14.66
N LYS A 169 9.60 2.82 15.50
CA LYS A 169 10.97 2.41 15.13
C LYS A 169 11.07 0.92 14.87
N ALA A 170 10.39 0.13 15.69
CA ALA A 170 10.40 -1.34 15.56
C ALA A 170 9.88 -1.75 14.19
N VAL A 171 8.77 -1.14 13.80
CA VAL A 171 8.09 -1.51 12.56
C VAL A 171 8.88 -1.03 11.35
N LYS A 172 9.43 0.18 11.45
CA LYS A 172 10.25 0.70 10.37
C LYS A 172 11.46 -0.22 10.15
N ASP A 173 12.09 -0.63 11.26
CA ASP A 173 13.28 -1.50 11.21
C ASP A 173 12.87 -2.82 10.59
N ALA A 174 11.73 -3.36 11.02
CA ALA A 174 11.26 -4.66 10.51
C ALA A 174 11.00 -4.61 9.00
N THR A 175 10.34 -3.55 8.55
CA THR A 175 10.06 -3.37 7.13
C THR A 175 11.36 -3.24 6.33
N ASN A 176 12.29 -2.41 6.80
CA ASN A 176 13.58 -2.27 6.12
C ASN A 176 14.38 -3.58 6.07
N THR A 177 14.26 -4.39 7.14
CA THR A 177 14.87 -5.71 7.17
C THR A 177 14.28 -6.61 6.08
N GLY A 178 12.95 -6.62 5.96
CA GLY A 178 12.28 -7.38 4.91
C GLY A 178 12.74 -6.96 3.52
N ILE A 179 12.88 -5.66 3.33
CA ILE A 179 13.35 -5.12 2.06
C ILE A 179 14.80 -5.58 1.78
N LYS A 180 15.66 -5.46 2.79
CA LYS A 180 17.05 -5.91 2.71
C LYS A 180 17.16 -7.38 2.34
N CYS A 181 16.33 -8.22 2.97
CA CYS A 181 16.41 -9.68 2.76
C CYS A 181 15.82 -10.10 1.41
N ALA A 182 14.89 -9.31 0.88
CA ALA A 182 14.24 -9.63 -0.39
C ALA A 182 15.24 -9.79 -1.55
N GLY A 183 14.98 -10.72 -2.46
CA GLY A 183 15.82 -10.87 -3.63
C GLY A 183 15.36 -11.99 -4.52
N ILE A 184 15.91 -12.04 -5.72
CA ILE A 184 15.60 -13.09 -6.68
C ILE A 184 16.09 -14.40 -6.07
N ASP A 185 15.26 -15.45 -6.20
CA ASP A 185 15.52 -16.77 -5.63
C ASP A 185 15.43 -16.87 -4.10
N VAL A 186 15.13 -15.77 -3.41
CA VAL A 186 14.99 -15.81 -1.96
C VAL A 186 13.64 -16.42 -1.63
N ARG A 187 13.62 -17.27 -0.60
CA ARG A 187 12.38 -17.92 -0.16
C ARG A 187 11.55 -16.91 0.60
N LEU A 188 10.24 -16.95 0.38
CA LEU A 188 9.35 -15.97 1.03
C LEU A 188 9.33 -16.15 2.54
N CYS A 189 9.39 -17.40 2.99
CA CYS A 189 9.32 -17.72 4.42
C CYS A 189 10.56 -17.21 5.15
N ASP A 190 11.68 -17.12 4.44
CA ASP A 190 12.92 -16.57 5.00
C ASP A 190 12.84 -15.06 5.20
N VAL A 191 12.21 -14.37 4.25
CA VAL A 191 11.97 -12.92 4.38
C VAL A 191 11.08 -12.66 5.59
N GLY A 192 10.07 -13.50 5.79
CA GLY A 192 9.19 -13.39 6.94
C GLY A 192 9.84 -13.70 8.28
N GLU A 193 10.74 -14.66 8.31
CA GLU A 193 11.42 -14.99 9.56
C GLU A 193 12.38 -13.87 9.99
N ALA A 194 12.99 -13.21 9.02
CA ALA A 194 13.90 -12.09 9.29
C ALA A 194 13.15 -10.89 9.89
N ILE A 195 12.00 -10.58 9.30
CA ILE A 195 11.09 -9.53 9.80
C ILE A 195 10.68 -9.79 11.26
N GLN A 196 10.26 -11.02 11.57
CA GLN A 196 9.83 -11.34 12.94
C GLN A 196 10.95 -11.13 13.96
N GLU A 197 12.15 -11.60 13.62
CA GLU A 197 13.27 -11.53 14.53
C GLU A 197 13.58 -10.08 14.91
N VAL A 198 13.55 -9.18 13.93
CA VAL A 198 13.83 -7.78 14.21
C VAL A 198 12.69 -7.18 15.01
N MET A 199 11.45 -7.41 14.58
CA MET A 199 10.32 -6.79 15.25
C MET A 199 10.29 -7.14 16.74
N GLU A 200 10.47 -8.41 17.05
CA GLU A 200 10.40 -8.88 18.43
C GLU A 200 11.63 -8.54 19.30
N SER A 201 12.67 -7.95 18.70
CA SER A 201 13.82 -7.47 19.46
C SER A 201 13.52 -6.17 20.20
N TYR A 202 12.39 -5.53 19.89
CA TYR A 202 11.99 -4.28 20.53
C TYR A 202 10.99 -4.50 21.63
N GLU A 203 11.23 -3.83 22.75
CA GLU A 203 10.25 -3.71 23.84
C GLU A 203 9.89 -2.24 23.96
N VAL A 204 8.63 -1.97 24.26
CA VAL A 204 8.14 -0.60 24.36
C VAL A 204 7.33 -0.42 25.64
N GLU A 205 7.26 0.82 26.12
CA GLU A 205 6.44 1.19 27.26
C GLU A 205 5.48 2.29 26.83
N ILE A 206 4.18 2.03 27.02
CA ILE A 206 3.13 2.98 26.66
C ILE A 206 2.17 3.12 27.85
N ASP A 207 2.07 4.32 28.40
CA ASP A 207 1.22 4.60 29.58
C ASP A 207 1.46 3.61 30.71
N GLY A 208 2.73 3.35 30.98
CA GLY A 208 3.14 2.52 32.11
C GLY A 208 3.07 1.01 31.91
N LYS A 209 2.61 0.56 30.75
CA LYS A 209 2.57 -0.87 30.42
C LYS A 209 3.70 -1.17 29.44
N THR A 210 4.36 -2.31 29.63
CA THR A 210 5.40 -2.73 28.73
C THR A 210 4.87 -3.83 27.81
N TYR A 211 5.43 -3.88 26.61
CA TYR A 211 5.08 -4.85 25.58
C TYR A 211 6.32 -5.24 24.78
N GLN A 212 6.43 -6.51 24.39
CA GLN A 212 7.34 -6.93 23.32
C GLN A 212 6.56 -6.81 22.01
N VAL A 213 7.06 -6.00 21.08
CA VAL A 213 6.31 -5.75 19.84
C VAL A 213 6.10 -7.08 19.10
N LYS A 214 4.87 -7.31 18.65
CA LYS A 214 4.48 -8.51 17.92
C LYS A 214 4.15 -8.18 16.49
N PRO A 215 4.69 -8.94 15.52
CA PRO A 215 4.14 -8.79 14.17
C PRO A 215 2.71 -9.32 14.12
N ILE A 216 1.88 -8.71 13.28
CA ILE A 216 0.52 -9.19 13.11
C ILE A 216 0.59 -10.40 12.19
N ARG A 217 0.35 -11.59 12.74
CA ARG A 217 0.70 -12.82 12.02
C ARG A 217 -0.19 -13.11 10.82
N ASN A 218 -1.40 -12.55 10.81
CA ASN A 218 -2.30 -12.77 9.66
C ASN A 218 -2.46 -11.55 8.74
N LEU A 219 -1.53 -10.61 8.84
CA LEU A 219 -1.28 -9.63 7.78
C LEU A 219 0.06 -9.97 7.19
N ASN A 220 0.33 -9.44 5.99
CA ASN A 220 1.48 -9.88 5.18
C ASN A 220 1.71 -9.04 3.93
N GLY A 221 2.96 -9.03 3.46
CA GLY A 221 3.32 -8.44 2.17
C GLY A 221 2.86 -9.34 1.04
N HIS A 222 3.08 -8.91 -0.19
CA HIS A 222 2.49 -9.59 -1.36
C HIS A 222 3.13 -9.18 -2.68
N SER A 223 3.06 -10.07 -3.65
CA SER A 223 3.39 -9.71 -5.03
C SER A 223 2.30 -8.78 -5.59
N ILE A 224 2.71 -7.97 -6.55
CA ILE A 224 1.88 -7.00 -7.22
C ILE A 224 1.94 -7.34 -8.71
N GLY A 225 0.79 -7.29 -9.39
CA GLY A 225 0.72 -7.47 -10.84
C GLY A 225 0.00 -6.30 -11.48
N GLN A 226 -0.06 -6.31 -12.80
CA GLN A 226 -0.68 -5.21 -13.52
C GLN A 226 -2.18 -5.14 -13.22
N TYR A 227 -2.62 -3.99 -12.68
CA TYR A 227 -3.98 -3.78 -12.19
C TYR A 227 -4.39 -4.80 -11.12
N ARG A 228 -3.39 -5.42 -10.48
CA ARG A 228 -3.62 -6.50 -9.50
C ARG A 228 -2.81 -6.25 -8.24
N ILE A 229 -3.45 -5.66 -7.22
CA ILE A 229 -2.76 -5.27 -5.98
C ILE A 229 -2.12 -6.47 -5.28
N HIS A 230 -2.79 -7.63 -5.32
CA HIS A 230 -2.28 -8.86 -4.75
C HIS A 230 -2.25 -9.91 -5.84
N ALA A 231 -1.05 -10.17 -6.36
CA ALA A 231 -0.88 -11.10 -7.49
C ALA A 231 -0.66 -12.57 -7.11
N GLY A 232 -0.81 -12.91 -5.84
CA GLY A 232 -0.96 -14.31 -5.43
C GLY A 232 0.14 -14.88 -4.56
N LYS A 233 1.27 -14.19 -4.45
CA LYS A 233 2.34 -14.59 -3.53
C LYS A 233 2.28 -13.74 -2.26
N THR A 234 2.45 -14.40 -1.11
CA THR A 234 2.43 -13.71 0.19
C THR A 234 3.75 -13.81 0.94
N VAL A 235 4.07 -12.73 1.65
CA VAL A 235 5.25 -12.63 2.52
C VAL A 235 4.81 -12.55 3.99
N PRO A 236 4.93 -13.67 4.72
CA PRO A 236 4.67 -13.71 6.18
C PRO A 236 5.45 -12.65 6.93
N ILE A 237 4.95 -12.24 8.10
CA ILE A 237 5.73 -11.40 9.00
C ILE A 237 5.98 -12.11 10.36
N VAL A 238 5.63 -13.40 10.41
CA VAL A 238 6.06 -14.29 11.49
C VAL A 238 6.67 -15.53 10.85
N LYS A 239 7.33 -16.35 11.68
CA LYS A 239 7.89 -17.64 11.25
C LYS A 239 6.79 -18.57 10.73
N GLY A 240 7.08 -19.28 9.64
CA GLY A 240 6.07 -19.99 8.86
C GLY A 240 5.56 -21.27 9.50
N THR A 244 8.37 -21.29 -1.13
CA THR A 244 8.14 -20.50 -2.35
C THR A 244 9.11 -19.34 -2.47
N ARG A 245 9.63 -19.10 -3.68
CA ARG A 245 10.69 -18.12 -3.93
C ARG A 245 10.23 -16.91 -4.74
N MET A 246 10.86 -15.76 -4.47
CA MET A 246 10.74 -14.60 -5.33
C MET A 246 11.48 -14.83 -6.63
N GLU A 247 11.01 -14.18 -7.70
CA GLU A 247 11.50 -14.45 -9.05
C GLU A 247 11.81 -13.15 -9.79
N GLU A 248 12.71 -13.25 -10.76
CA GLU A 248 13.15 -12.11 -11.55
C GLU A 248 11.98 -11.44 -12.28
N GLY A 249 11.91 -10.12 -12.18
CA GLY A 249 10.85 -9.36 -12.84
C GLY A 249 9.61 -9.11 -11.99
N GLU A 250 9.51 -9.80 -10.86
CA GLU A 250 8.38 -9.61 -9.94
C GLU A 250 8.48 -8.28 -9.21
N VAL A 251 7.33 -7.84 -8.73
CA VAL A 251 7.18 -6.61 -7.96
C VAL A 251 6.48 -7.00 -6.67
N TYR A 252 6.98 -6.51 -5.53
CA TYR A 252 6.43 -6.85 -4.23
C TYR A 252 6.14 -5.61 -3.41
N ALA A 253 5.05 -5.68 -2.64
CA ALA A 253 4.81 -4.77 -1.53
C ALA A 253 5.39 -5.47 -0.29
N ILE A 254 6.41 -4.86 0.29
CA ILE A 254 6.96 -5.32 1.57
C ILE A 254 6.37 -4.44 2.65
N GLU A 255 5.44 -4.99 3.41
CA GLU A 255 4.82 -4.29 4.51
C GLU A 255 4.92 -5.11 5.77
N THR A 256 5.08 -4.41 6.89
CA THR A 256 5.00 -5.10 8.18
C THR A 256 4.10 -4.27 9.09
N PHE A 257 3.48 -4.99 10.03
CA PHE A 257 2.60 -4.44 11.02
C PHE A 257 3.05 -4.94 12.38
N GLY A 258 3.27 -4.00 13.29
CA GLY A 258 3.59 -4.32 14.67
C GLY A 258 2.43 -3.99 15.58
N SER A 259 2.25 -4.81 16.62
CA SER A 259 1.13 -4.64 17.52
C SER A 259 1.51 -4.84 18.99
N THR A 260 0.85 -4.06 19.85
CA THR A 260 0.86 -4.28 21.31
C THR A 260 -0.26 -5.24 21.79
N GLY A 261 -1.10 -5.71 20.86
CA GLY A 261 -2.21 -6.61 21.20
C GLY A 261 -1.84 -8.07 21.05
N LYS A 262 -2.75 -8.85 20.47
CA LYS A 262 -2.55 -10.29 20.29
C LYS A 262 -1.69 -10.64 19.09
N GLY A 263 -1.52 -9.70 18.16
CA GLY A 263 -0.78 -9.97 16.94
C GLY A 263 -1.62 -10.73 15.92
N VAL A 264 -2.94 -10.65 16.10
CA VAL A 264 -3.89 -11.23 15.16
C VAL A 264 -5.00 -10.21 14.92
N VAL A 265 -5.42 -10.05 13.67
CA VAL A 265 -6.54 -9.15 13.36
C VAL A 265 -7.83 -9.92 13.01
N HIS A 266 -8.96 -9.27 13.29
CA HIS A 266 -10.28 -9.78 12.92
C HIS A 266 -11.03 -8.69 12.15
N ASP A 267 -12.04 -9.10 11.38
CA ASP A 267 -12.91 -8.16 10.65
C ASP A 267 -13.73 -7.37 11.64
N ASP A 268 -13.79 -6.05 11.49
CA ASP A 268 -14.56 -5.27 12.43
C ASP A 268 -15.06 -4.02 11.77
N MET A 269 -16.19 -3.54 12.26
CA MET A 269 -16.73 -2.26 11.84
C MET A 269 -17.32 -2.34 10.43
N GLU A 270 -17.87 -1.22 9.98
CA GLU A 270 -18.47 -1.14 8.69
C GLU A 270 -17.41 -1.37 7.62
N CYS A 271 -17.81 -2.02 6.54
CA CYS A 271 -16.93 -2.16 5.38
C CYS A 271 -16.95 -0.89 4.53
N SER A 272 -15.76 -0.48 4.08
CA SER A 272 -15.61 0.62 3.15
C SER A 272 -14.91 0.23 1.85
N HIS A 273 -14.04 -0.78 1.91
CA HIS A 273 -13.18 -1.18 0.79
C HIS A 273 -13.79 -2.39 0.04
N TYR A 274 -13.79 -2.31 -1.28
CA TYR A 274 -14.27 -3.39 -2.14
C TYR A 274 -13.38 -3.51 -3.38
N MET A 275 -13.36 -4.70 -3.98
CA MET A 275 -12.61 -4.89 -5.22
C MET A 275 -13.16 -6.10 -5.99
N LYS A 276 -13.29 -5.96 -7.32
CA LYS A 276 -13.67 -7.09 -8.14
C LYS A 276 -12.71 -8.24 -7.96
N ASN A 277 -13.25 -9.46 -7.97
CA ASN A 277 -12.45 -10.68 -8.05
C ASN A 277 -11.75 -10.71 -9.40
N PHE A 278 -10.42 -10.75 -9.38
CA PHE A 278 -9.63 -10.58 -10.59
C PHE A 278 -9.94 -11.64 -11.63
N ASP A 279 -10.32 -12.82 -11.14
CA ASP A 279 -10.48 -14.00 -11.99
C ASP A 279 -11.90 -14.22 -12.49
N VAL A 280 -12.83 -13.38 -12.08
CA VAL A 280 -14.21 -13.50 -12.56
C VAL A 280 -14.36 -12.71 -13.85
N GLY A 281 -14.86 -13.37 -14.89
CA GLY A 281 -15.02 -12.75 -16.21
C GLY A 281 -16.36 -12.07 -16.35
N HIS A 282 -16.91 -12.12 -17.56
CA HIS A 282 -18.22 -11.51 -17.82
C HIS A 282 -19.33 -12.31 -17.16
N VAL A 283 -20.19 -11.62 -16.43
CA VAL A 283 -21.38 -12.21 -15.85
C VAL A 283 -22.56 -11.34 -16.24
N PRO A 284 -23.47 -11.86 -17.10
CA PRO A 284 -24.64 -11.06 -17.46
C PRO A 284 -25.56 -10.82 -16.25
N ILE A 285 -25.99 -9.58 -16.08
CA ILE A 285 -26.89 -9.19 -14.99
C ILE A 285 -28.04 -8.39 -15.57
N ARG A 286 -29.28 -8.83 -15.29
CA ARG A 286 -30.48 -8.10 -15.68
C ARG A 286 -30.97 -7.13 -14.59
N LEU A 287 -30.82 -7.50 -13.32
CA LEU A 287 -31.26 -6.65 -12.20
C LEU A 287 -30.76 -5.21 -12.41
N PRO A 288 -31.66 -4.22 -12.54
CA PRO A 288 -31.16 -2.94 -13.10
C PRO A 288 -30.16 -2.16 -12.25
N ARG A 289 -30.37 -2.04 -10.94
CA ARG A 289 -29.46 -1.28 -10.11
C ARG A 289 -28.13 -2.01 -9.95
N THR A 290 -28.20 -3.34 -9.88
CA THR A 290 -26.99 -4.18 -9.81
C THR A 290 -26.19 -4.12 -11.12
N LYS A 291 -26.89 -4.21 -12.24
CA LYS A 291 -26.28 -4.09 -13.56
C LYS A 291 -25.57 -2.75 -13.70
N HIS A 292 -26.28 -1.67 -13.36
CA HIS A 292 -25.72 -0.33 -13.43
C HIS A 292 -24.47 -0.17 -12.57
N LEU A 293 -24.52 -0.66 -11.34
CA LEU A 293 -23.38 -0.54 -10.46
C LEU A 293 -22.18 -1.32 -11.01
N LEU A 294 -22.41 -2.53 -11.52
CA LEU A 294 -21.29 -3.27 -12.09
C LEU A 294 -20.65 -2.50 -13.26
N ASN A 295 -21.49 -1.89 -14.09
CA ASN A 295 -20.99 -1.10 -15.21
C ASN A 295 -20.17 0.09 -14.71
N VAL A 296 -20.65 0.77 -13.68
CA VAL A 296 -19.90 1.85 -13.06
C VAL A 296 -18.53 1.35 -12.57
N ILE A 297 -18.53 0.21 -11.90
CA ILE A 297 -17.30 -0.35 -11.36
C ILE A 297 -16.33 -0.72 -12.49
N ASN A 298 -16.84 -1.40 -13.51
CA ASN A 298 -16.02 -1.78 -14.66
C ASN A 298 -15.41 -0.58 -15.38
N GLU A 299 -16.19 0.49 -15.54
CA GLU A 299 -15.71 1.69 -16.23
C GLU A 299 -14.66 2.45 -15.44
N ASN A 300 -14.88 2.57 -14.13
CA ASN A 300 -14.10 3.48 -13.31
C ASN A 300 -12.95 2.84 -12.55
N PHE A 301 -13.08 1.56 -12.19
CA PHE A 301 -12.09 0.88 -11.34
C PHE A 301 -11.50 -0.37 -11.99
N GLY A 302 -12.28 -1.04 -12.84
CA GLY A 302 -11.84 -2.34 -13.37
C GLY A 302 -11.54 -3.29 -12.22
N THR A 303 -10.32 -3.84 -12.19
CA THR A 303 -9.91 -4.73 -11.10
C THR A 303 -9.19 -4.02 -9.95
N LEU A 304 -9.11 -2.69 -9.97
CA LEU A 304 -8.56 -1.92 -8.87
C LEU A 304 -9.58 -1.77 -7.77
N ALA A 305 -9.11 -1.64 -6.54
CA ALA A 305 -10.01 -1.49 -5.40
C ALA A 305 -10.65 -0.11 -5.36
N PHE A 306 -11.82 -0.03 -4.73
CA PHE A 306 -12.54 1.20 -4.57
C PHE A 306 -13.22 1.24 -3.19
N CYS A 307 -13.82 2.38 -2.89
CA CYS A 307 -14.56 2.51 -1.65
C CYS A 307 -15.89 3.18 -1.92
N ARG A 308 -16.76 3.15 -0.91
CA ARG A 308 -18.07 3.79 -1.04
C ARG A 308 -18.02 5.30 -1.33
N ARG A 309 -17.11 6.05 -0.68
CA ARG A 309 -16.97 7.48 -0.98
C ARG A 309 -16.72 7.71 -2.46
N TRP A 310 -16.01 6.80 -3.12
CA TRP A 310 -15.71 6.98 -4.54
C TRP A 310 -16.91 6.72 -5.43
N LEU A 311 -17.86 5.93 -4.96
CA LEU A 311 -19.13 5.79 -5.66
C LEU A 311 -19.98 7.03 -5.45
N ASP A 312 -19.98 7.57 -4.23
CA ASP A 312 -20.73 8.79 -3.92
C ASP A 312 -20.27 9.95 -4.82
N ARG A 313 -18.96 10.09 -4.96
CA ARG A 313 -18.41 11.19 -5.76
C ARG A 313 -18.76 11.09 -7.25
N LEU A 314 -19.05 9.88 -7.73
CA LEU A 314 -19.50 9.65 -9.10
C LEU A 314 -20.99 9.93 -9.29
N GLY A 315 -21.66 10.32 -8.21
CA GLY A 315 -23.07 10.67 -8.25
C GLY A 315 -23.98 9.47 -8.05
N GLU A 316 -23.42 8.36 -7.58
CA GLU A 316 -24.22 7.17 -7.33
C GLU A 316 -24.89 7.24 -5.97
N SER A 317 -26.13 6.77 -5.92
CA SER A 317 -26.83 6.65 -4.66
C SER A 317 -27.71 5.41 -4.70
N LYS A 318 -28.17 5.01 -3.52
CA LYS A 318 -29.05 3.85 -3.35
C LYS A 318 -28.41 2.63 -4.00
N TYR A 319 -27.13 2.44 -3.71
CA TYR A 319 -26.36 1.36 -4.32
C TYR A 319 -26.00 0.24 -3.37
N LEU A 320 -26.35 0.36 -2.09
CA LEU A 320 -25.86 -0.61 -1.11
C LEU A 320 -26.40 -2.03 -1.35
N MET A 321 -27.68 -2.15 -1.69
CA MET A 321 -28.22 -3.47 -2.01
C MET A 321 -27.56 -4.04 -3.26
N ALA A 322 -27.39 -3.20 -4.27
CA ALA A 322 -26.70 -3.59 -5.49
C ALA A 322 -25.27 -4.08 -5.20
N LEU A 323 -24.57 -3.34 -4.34
CA LEU A 323 -23.19 -3.74 -3.94
C LEU A 323 -23.20 -5.07 -3.19
N LYS A 324 -24.15 -5.22 -2.27
CA LYS A 324 -24.33 -6.48 -1.56
C LYS A 324 -24.56 -7.62 -2.56
N ASN A 325 -25.40 -7.37 -3.55
CA ASN A 325 -25.67 -8.36 -4.58
C ASN A 325 -24.40 -8.79 -5.30
N LEU A 326 -23.58 -7.82 -5.72
CA LEU A 326 -22.31 -8.16 -6.38
C LEU A 326 -21.37 -8.94 -5.47
N CYS A 327 -21.37 -8.63 -4.18
CA CYS A 327 -20.57 -9.39 -3.23
C CYS A 327 -21.09 -10.83 -3.09
N ASP A 328 -22.42 -10.96 -2.93
CA ASP A 328 -23.03 -12.27 -2.77
C ASP A 328 -22.81 -13.15 -4.01
N LEU A 329 -22.78 -12.54 -5.19
CA LEU A 329 -22.51 -13.26 -6.44
C LEU A 329 -21.04 -13.64 -6.61
N GLY A 330 -20.16 -13.09 -5.78
CA GLY A 330 -18.72 -13.36 -5.88
C GLY A 330 -18.01 -12.50 -6.92
N ILE A 331 -18.73 -11.58 -7.54
CA ILE A 331 -18.13 -10.69 -8.55
C ILE A 331 -17.24 -9.63 -7.89
N VAL A 332 -17.69 -9.11 -6.76
CA VAL A 332 -16.94 -8.17 -5.95
C VAL A 332 -16.68 -8.83 -4.60
N ASP A 333 -15.52 -8.55 -4.03
CA ASP A 333 -15.18 -8.99 -2.68
C ASP A 333 -15.09 -7.78 -1.74
N PRO A 334 -15.69 -7.88 -0.55
CA PRO A 334 -15.54 -6.86 0.49
C PRO A 334 -14.24 -7.06 1.24
N TYR A 335 -13.60 -5.97 1.65
CA TYR A 335 -12.34 -6.00 2.43
C TYR A 335 -12.53 -5.13 3.67
N PRO A 336 -13.17 -5.70 4.70
CA PRO A 336 -13.49 -4.90 5.87
C PRO A 336 -12.26 -4.49 6.70
N PRO A 337 -12.42 -3.51 7.60
CA PRO A 337 -11.31 -3.15 8.47
C PRO A 337 -10.84 -4.32 9.29
N LEU A 338 -9.52 -4.37 9.50
CA LEU A 338 -8.88 -5.48 10.18
C LEU A 338 -8.25 -4.94 11.47
N CYS A 339 -8.76 -5.42 12.61
CA CYS A 339 -8.39 -4.87 13.90
C CYS A 339 -7.92 -5.92 14.89
N ASP A 340 -6.93 -5.51 15.69
CA ASP A 340 -6.47 -6.29 16.84
C ASP A 340 -7.40 -5.93 18.00
N ILE A 341 -7.10 -6.45 19.18
CA ILE A 341 -7.99 -6.30 20.35
C ILE A 341 -8.18 -4.84 20.76
N LYS A 342 -9.33 -4.53 21.33
CA LYS A 342 -9.60 -3.19 21.87
C LYS A 342 -8.49 -2.80 22.85
N GLY A 343 -8.02 -1.57 22.73
CA GLY A 343 -6.96 -1.05 23.59
C GLY A 343 -5.54 -1.27 23.09
N SER A 344 -5.38 -2.04 22.01
CA SER A 344 -4.04 -2.29 21.45
C SER A 344 -3.68 -1.19 20.43
N TYR A 345 -2.39 -1.13 20.11
CA TYR A 345 -1.83 -0.16 19.20
C TYR A 345 -1.10 -0.89 18.08
N THR A 346 -1.38 -0.46 16.84
CA THR A 346 -0.76 -1.08 15.68
C THR A 346 -0.09 0.00 14.83
N ALA A 347 1.04 -0.36 14.21
CA ALA A 347 1.79 0.51 13.30
C ALA A 347 2.19 -0.27 12.04
N GLN A 348 2.36 0.47 10.95
CA GLN A 348 2.67 -0.09 9.63
C GLN A 348 3.65 0.79 8.87
N PHE A 349 4.59 0.14 8.18
CA PHE A 349 5.35 0.75 7.10
C PHE A 349 5.39 -0.21 5.92
N GLU A 350 5.36 0.35 4.71
CA GLU A 350 5.26 -0.43 3.49
C GLU A 350 5.96 0.27 2.33
N HIS A 351 6.72 -0.51 1.54
CA HIS A 351 7.30 -0.04 0.28
C HIS A 351 7.00 -1.02 -0.84
N THR A 352 7.02 -0.48 -2.06
CA THR A 352 6.98 -1.30 -3.27
C THR A 352 8.41 -1.43 -3.80
N ILE A 353 8.80 -2.68 -4.13
CA ILE A 353 10.12 -2.98 -4.64
C ILE A 353 10.03 -3.68 -6.00
N LEU A 354 10.93 -3.31 -6.91
CA LEU A 354 11.05 -3.92 -8.23
C LEU A 354 12.23 -4.89 -8.26
N LEU A 355 11.97 -6.15 -8.59
CA LEU A 355 13.05 -7.11 -8.70
C LEU A 355 13.58 -7.09 -10.13
N ARG A 356 14.32 -6.04 -10.46
CA ARG A 356 14.84 -5.88 -11.80
C ARG A 356 15.96 -6.90 -12.04
N PRO A 357 16.19 -7.27 -13.31
CA PRO A 357 17.24 -8.24 -13.60
C PRO A 357 18.62 -7.85 -13.04
N THR A 358 18.91 -6.54 -13.00
CA THR A 358 20.23 -6.03 -12.62
C THR A 358 20.36 -5.64 -11.13
N CYS A 359 19.25 -5.28 -10.49
CA CYS A 359 19.28 -4.81 -9.11
C CYS A 359 17.88 -4.84 -8.50
N LYS A 360 17.81 -4.57 -7.21
CA LYS A 360 16.55 -4.42 -6.47
C LYS A 360 16.32 -2.93 -6.31
N GLU A 361 15.17 -2.43 -6.74
CA GLU A 361 14.86 -1.00 -6.65
C GLU A 361 13.72 -0.80 -5.68
N VAL A 362 13.98 -0.05 -4.60
CA VAL A 362 12.95 0.33 -3.65
C VAL A 362 12.34 1.60 -4.25
N VAL A 363 11.42 1.39 -5.19
CA VAL A 363 11.01 2.44 -6.09
C VAL A 363 10.29 3.56 -5.34
N SER A 364 9.60 3.19 -4.25
CA SER A 364 8.87 4.16 -3.43
C SER A 364 9.67 4.78 -2.27
N ARG A 365 10.95 4.46 -2.14
CA ARG A 365 11.78 5.07 -1.09
C ARG A 365 11.84 6.59 -1.26
N GLY A 366 11.79 7.31 -0.15
CA GLY A 366 12.04 8.77 -0.13
C GLY A 366 13.05 9.14 0.94
N ASP A 367 13.25 10.45 1.13
CA ASP A 367 14.11 10.97 2.21
C ASP A 367 13.42 10.90 3.56
N ASP A 368 12.12 10.58 3.53
CA ASP A 368 11.28 10.47 4.71
C ASP A 368 11.31 9.06 5.32
N TYR A 369 11.05 8.03 4.53
CA TYR A 369 11.15 6.64 4.96
C TYR A 369 11.34 5.75 3.77
MN MN B . -0.76 -0.70 1.43
MN MN C . -0.07 -3.95 0.51
S DMS D . -22.20 -4.33 2.18
S DMS D . -21.90 -4.85 2.11
O DMS D . -20.76 -4.28 2.58
O DMS D . -22.29 -6.27 2.18
C1 DMS D . -23.05 -3.03 2.90
C1 DMS D . -22.27 -4.22 0.57
C2 DMS D . -22.31 -3.91 0.53
C2 DMS D . -22.97 -3.91 3.07
C1 EDO E . -15.37 13.87 18.27
O1 EDO E . -16.29 14.77 17.62
C2 EDO E . -14.14 14.63 18.75
O2 EDO E . -13.68 14.13 20.02
N3 6KP F . -5.83 -9.65 0.14
C4 6KP F . -6.15 -10.21 -1.02
C7 6KP F . -6.67 -11.49 -2.74
C10 6KP F . -6.05 -8.02 -2.08
N12 6KP F . -5.47 -6.07 -0.70
C13 6KP F . -4.24 -5.45 -0.41
C20 6KP F . -6.59 -2.68 -0.75
C21 6KP F . -7.92 -2.80 -1.04
C24 6KP F . -7.80 -5.19 -1.15
C1 6KP F . -5.25 -7.88 1.66
C2 6KP F . -5.60 -8.36 0.28
N5 6KP F . -6.40 -11.51 -1.41
N8 6KP F . -6.60 -10.25 -3.19
C9 6KP F . -6.27 -9.41 -2.18
C11 6KP F . -5.70 -7.48 -0.83
C14 6KP F . -2.88 -5.70 -0.14
N15 6KP F . -2.25 -4.56 0.04
N16 6KP F . -3.20 -3.50 -0.07
C18 6KP F . -4.42 -4.07 -0.37
C19 6KP F . -5.83 -3.85 -0.65
F22 6KP F . -8.65 -1.68 -1.13
C23 6KP F . -8.54 -4.02 -1.23
C25 6KP F . -6.44 -5.12 -0.87
#